data_5EAP
#
_entry.id   5EAP
#
_cell.length_a   97.162
_cell.length_b   48.232
_cell.length_c   63.448
_cell.angle_alpha   90.000
_cell.angle_beta   108.010
_cell.angle_gamma   90.000
#
_symmetry.space_group_name_H-M   'C 1 2 1'
#
loop_
_entity.id
_entity.type
_entity.pdbx_description
1 polymer 'WD repeat-containing protein 5'
2 non-polymer N-[5-(2,3-dihydro-1-benzofuran-5-yl)-2-(4-methylpiperazin-1-yl)phenyl]-3-methylbenzamide
3 non-polymer GLYCEROL
4 non-polymer 'CHLORIDE ION'
5 non-polymer 1,2-ETHANEDIOL
6 non-polymer 'UNKNOWN ATOM OR ION'
7 water water
#
_entity_poly.entity_id   1
_entity_poly.type   'polypeptide(L)'
_entity_poly.pdbx_seq_one_letter_code
;GTQSKPTPVKPNYALKFTLAGHTKAVSSVKFSPNGEWLASSSADKLIKIWGAYDGKFEKTISGHKLGISDVAWSSDSNLL
VSASDDKTLKIWDVSSGKCLKTLKGHSNYVFCCNFNPQSNLIVSGSFDESVRIWDVKTGKCLKTLPAHSDPVSAVHFNRD
GSLIVSSSYDGLCRIWDTASGQCLKTLIDDDNPPVSFVKFSPNGKYILAATLDNTLKLWDYSKGKCLKTYTGHKNEKYCI
FANFSVTGGKWIVSGSEDNLVYIWNLQTKEIVQKLQGHTDVVISTACHPTENIIASAALENDKTIKLWKSDC
;
_entity_poly.pdbx_strand_id   A
#
loop_
_chem_comp.id
_chem_comp.type
_chem_comp.name
_chem_comp.formula
5MO non-polymer N-[5-(2,3-dihydro-1-benzofuran-5-yl)-2-(4-methylpiperazin-1-yl)phenyl]-3-methylbenzamide 'C27 H29 N3 O2'
CL non-polymer 'CHLORIDE ION' 'Cl -1'
EDO non-polymer 1,2-ETHANEDIOL 'C2 H6 O2'
GOL non-polymer GLYCEROL 'C3 H8 O3'
UNX non-polymer 'UNKNOWN ATOM OR ION' ?
#
# COMPACT_ATOMS: atom_id res chain seq x y z
N GLY A 1 10.89 -20.45 26.11
CA GLY A 1 11.07 -21.93 26.08
C GLY A 1 12.47 -22.34 26.51
N THR A 2 13.00 -23.36 25.83
CA THR A 2 14.31 -23.93 26.19
C THR A 2 15.22 -24.12 24.97
N GLN A 3 16.51 -24.36 25.20
CA GLN A 3 17.48 -24.67 24.13
C GLN A 3 17.11 -25.95 23.35
N SER A 4 16.64 -26.98 24.07
CA SER A 4 16.29 -28.27 23.46
C SER A 4 14.92 -28.29 22.76
N LYS A 5 13.96 -27.56 23.32
CA LYS A 5 12.62 -27.44 22.73
C LYS A 5 12.18 -25.95 22.70
N PRO A 6 12.73 -25.16 21.73
CA PRO A 6 12.49 -23.69 21.65
C PRO A 6 11.04 -23.29 21.31
N THR A 7 10.59 -22.18 21.89
CA THR A 7 9.25 -21.63 21.63
C THR A 7 9.23 -21.03 20.22
N PRO A 8 8.34 -21.56 19.33
CA PRO A 8 8.25 -21.00 17.97
C PRO A 8 7.64 -19.60 18.01
N VAL A 9 8.27 -18.67 17.30
CA VAL A 9 7.77 -17.30 17.19
C VAL A 9 6.53 -17.30 16.29
N LYS A 10 5.38 -17.07 16.92
CA LYS A 10 4.11 -16.97 16.22
C LYS A 10 3.41 -15.71 16.74
N PRO A 11 2.90 -14.85 15.82
CA PRO A 11 2.29 -13.60 16.27
C PRO A 11 0.95 -13.86 16.92
N ASN A 12 0.50 -12.92 17.75
CA ASN A 12 -0.79 -13.03 18.41
C ASN A 12 -1.61 -11.73 18.28
N TYR A 13 -1.73 -11.25 17.04
CA TYR A 13 -2.55 -10.07 16.74
C TYR A 13 -3.99 -10.31 17.22
N ALA A 14 -4.49 -9.34 17.98
CA ALA A 14 -5.86 -9.34 18.51
C ALA A 14 -6.48 -7.99 18.22
N LEU A 15 -7.77 -7.98 17.88
CA LEU A 15 -8.52 -6.76 17.57
C LEU A 15 -8.60 -5.76 18.72
N LYS A 16 -8.16 -4.54 18.46
CA LYS A 16 -8.20 -3.48 19.45
C LYS A 16 -9.26 -2.42 19.21
N PHE A 17 -9.34 -1.88 17.99
CA PHE A 17 -10.30 -0.81 17.68
C PHE A 17 -10.87 -1.03 16.30
N THR A 18 -12.12 -0.63 16.13
CA THR A 18 -12.78 -0.63 14.83
C THR A 18 -13.12 0.83 14.58
N LEU A 19 -12.66 1.37 13.45
CA LEU A 19 -12.78 2.80 13.16
C LEU A 19 -13.87 3.03 12.12
N ALA A 20 -15.01 3.54 12.58
CA ALA A 20 -16.18 3.73 11.74
C ALA A 20 -16.34 5.19 11.38
N GLY A 21 -16.80 5.46 10.16
CA GLY A 21 -17.05 6.83 9.73
C GLY A 21 -17.13 6.99 8.23
N HIS A 22 -16.34 6.22 7.49
CA HIS A 22 -16.45 6.27 6.03
C HIS A 22 -17.82 5.78 5.63
N THR A 23 -18.40 6.36 4.58
CA THR A 23 -19.76 5.96 4.19
C THR A 23 -19.80 5.02 2.96
N LYS A 24 -18.62 4.61 2.49
CA LYS A 24 -18.48 3.66 1.39
C LYS A 24 -17.20 2.85 1.63
N ALA A 25 -16.95 1.86 0.75
CA ALA A 25 -15.73 1.06 0.78
C ALA A 25 -14.48 1.88 1.09
N VAL A 26 -13.62 1.34 1.96
CA VAL A 26 -12.33 1.97 2.26
C VAL A 26 -11.30 1.35 1.32
N SER A 27 -10.47 2.18 0.67
CA SER A 27 -9.48 1.68 -0.31
C SER A 27 -8.08 1.46 0.21
N SER A 28 -7.69 2.25 1.19
CA SER A 28 -6.28 2.27 1.60
C SER A 28 -6.17 2.83 2.99
N VAL A 29 -5.30 2.21 3.78
CA VAL A 29 -4.89 2.75 5.07
C VAL A 29 -3.36 2.80 5.14
N LYS A 30 -2.80 3.90 5.66
CA LYS A 30 -1.34 4.08 5.76
C LYS A 30 -0.98 4.71 7.10
N PHE A 31 -0.02 4.12 7.82
CA PHE A 31 0.53 4.78 9.01
C PHE A 31 1.48 5.91 8.60
N SER A 32 1.41 7.04 9.32
CA SER A 32 2.39 8.10 9.15
C SER A 32 3.78 7.56 9.53
N PRO A 33 4.83 8.01 8.82
CA PRO A 33 6.16 7.49 9.14
C PRO A 33 6.58 7.75 10.59
N ASN A 34 6.06 8.83 11.20
CA ASN A 34 6.37 9.10 12.62
C ASN A 34 5.59 8.24 13.61
N GLY A 35 4.67 7.42 13.08
CA GLY A 35 3.96 6.43 13.87
C GLY A 35 2.71 6.93 14.58
N GLU A 36 2.44 8.23 14.49
CA GLU A 36 1.37 8.88 15.27
C GLU A 36 -0.04 8.70 14.68
N TRP A 37 -0.11 8.62 13.36
CA TRP A 37 -1.39 8.70 12.67
C TRP A 37 -1.65 7.54 11.72
N LEU A 38 -2.94 7.34 11.44
CA LEU A 38 -3.37 6.51 10.31
C LEU A 38 -4.18 7.40 9.38
N ALA A 39 -3.91 7.31 8.08
CA ALA A 39 -4.74 8.01 7.06
C ALA A 39 -5.52 6.95 6.31
N SER A 40 -6.79 7.23 6.01
CA SER A 40 -7.61 6.33 5.23
C SER A 40 -8.23 7.07 4.07
N SER A 41 -8.40 6.36 2.96
CA SER A 41 -9.06 6.87 1.77
C SER A 41 -10.25 5.97 1.41
N SER A 42 -11.24 6.54 0.71
CA SER A 42 -12.49 5.83 0.51
C SER A 42 -13.18 6.19 -0.79
N ALA A 43 -14.06 5.31 -1.25
CA ALA A 43 -15.01 5.59 -2.34
C ALA A 43 -15.97 6.73 -2.00
N ASP A 44 -16.03 7.11 -0.71
CA ASP A 44 -16.86 8.26 -0.30
C ASP A 44 -16.24 9.62 -0.62
N LYS A 45 -15.09 9.60 -1.30
CA LYS A 45 -14.34 10.79 -1.80
C LYS A 45 -13.58 11.53 -0.69
N LEU A 46 -13.45 10.88 0.46
CA LEU A 46 -12.85 11.48 1.64
C LEU A 46 -11.59 10.81 2.08
N ILE A 47 -10.72 11.62 2.67
CA ILE A 47 -9.60 11.14 3.48
C ILE A 47 -9.91 11.41 4.95
N LYS A 48 -9.69 10.40 5.79
CA LYS A 48 -9.80 10.59 7.23
C LYS A 48 -8.48 10.29 7.93
N ILE A 49 -8.22 11.02 9.01
CA ILE A 49 -7.00 10.85 9.80
C ILE A 49 -7.44 10.36 11.18
N TRP A 50 -6.73 9.35 11.72
CA TRP A 50 -7.07 8.70 12.99
C TRP A 50 -5.80 8.53 13.84
N GLY A 51 -5.98 8.48 15.16
CA GLY A 51 -4.87 8.16 16.05
C GLY A 51 -4.41 6.73 15.90
N ALA A 52 -3.12 6.56 15.61
CA ALA A 52 -2.54 5.23 15.43
C ALA A 52 -2.64 4.32 16.64
N TYR A 53 -2.57 4.91 17.85
CA TYR A 53 -2.52 4.15 19.10
C TYR A 53 -3.87 4.08 19.83
N ASP A 54 -4.79 4.97 19.51
CA ASP A 54 -6.07 5.07 20.23
C ASP A 54 -7.31 5.00 19.33
N GLY A 55 -7.10 4.90 18.02
CA GLY A 55 -8.19 4.85 17.04
C GLY A 55 -9.07 6.08 16.95
N LYS A 56 -8.73 7.15 17.68
CA LYS A 56 -9.54 8.37 17.72
C LYS A 56 -9.59 9.11 16.38
N PHE A 57 -10.81 9.41 15.93
CA PHE A 57 -11.00 10.22 14.74
C PHE A 57 -10.39 11.59 14.95
N GLU A 58 -9.59 12.03 13.98
CA GLU A 58 -8.90 13.33 14.04
C GLU A 58 -9.51 14.37 13.12
N LYS A 59 -9.58 14.06 11.81
CA LYS A 59 -10.10 14.99 10.81
CA LYS A 59 -10.11 14.99 10.82
C LYS A 59 -10.50 14.33 9.49
N THR A 60 -11.40 14.99 8.77
CA THR A 60 -11.82 14.64 7.44
C THR A 60 -11.21 15.63 6.46
N ILE A 61 -10.60 15.10 5.41
CA ILE A 61 -10.01 15.92 4.37
C ILE A 61 -10.81 15.67 3.09
N SER A 62 -11.33 16.76 2.50
CA SER A 62 -12.20 16.67 1.32
C SER A 62 -11.72 17.56 0.17
N GLY A 63 -12.15 17.24 -1.05
CA GLY A 63 -11.80 18.03 -2.23
C GLY A 63 -11.89 17.24 -3.52
N HIS A 64 -11.58 15.94 -3.46
CA HIS A 64 -11.72 15.06 -4.64
C HIS A 64 -13.17 14.98 -5.09
N LYS A 65 -13.37 14.88 -6.41
CA LYS A 65 -14.71 14.86 -7.02
C LYS A 65 -15.28 13.47 -7.20
N LEU A 66 -14.39 12.46 -7.13
CA LEU A 66 -14.80 11.06 -7.22
C LEU A 66 -13.98 10.25 -6.22
N GLY A 67 -14.24 8.93 -6.16
CA GLY A 67 -13.67 8.05 -5.13
C GLY A 67 -12.16 8.12 -5.13
N ILE A 68 -11.57 7.75 -4.00
CA ILE A 68 -10.12 7.81 -3.85
C ILE A 68 -9.62 6.38 -3.63
N SER A 69 -8.66 5.91 -4.46
CA SER A 69 -8.08 4.55 -4.37
C SER A 69 -6.85 4.47 -3.44
N ASP A 70 -6.16 5.59 -3.23
CA ASP A 70 -4.88 5.53 -2.49
C ASP A 70 -4.54 6.84 -1.82
N VAL A 71 -3.76 6.75 -0.75
N VAL A 71 -3.78 6.74 -0.74
CA VAL A 71 -3.22 7.88 -0.01
CA VAL A 71 -3.20 7.86 -0.04
C VAL A 71 -1.81 7.48 0.43
C VAL A 71 -1.78 7.46 0.37
N ALA A 72 -0.90 8.45 0.52
CA ALA A 72 0.48 8.22 0.96
C ALA A 72 0.98 9.41 1.75
N TRP A 73 1.85 9.16 2.72
CA TRP A 73 2.50 10.19 3.54
C TRP A 73 3.88 10.63 3.01
N SER A 74 4.23 11.90 3.21
CA SER A 74 5.61 12.34 3.01
C SER A 74 6.45 11.84 4.19
N SER A 75 7.78 11.80 4.04
CA SER A 75 8.63 11.12 5.04
C SER A 75 8.67 11.80 6.41
N ASP A 76 8.38 13.09 6.43
CA ASP A 76 8.33 13.87 7.69
C ASP A 76 6.89 13.97 8.25
N SER A 77 5.95 13.22 7.63
CA SER A 77 4.56 13.07 8.10
C SER A 77 3.70 14.33 7.98
N ASN A 78 4.20 15.30 7.22
CA ASN A 78 3.54 16.61 7.07
C ASN A 78 2.62 16.76 5.90
N LEU A 79 2.87 15.98 4.85
CA LEU A 79 2.04 16.00 3.66
C LEU A 79 1.41 14.64 3.41
N LEU A 80 0.30 14.68 2.67
CA LEU A 80 -0.34 13.49 2.10
C LEU A 80 -0.51 13.68 0.61
N VAL A 81 -0.49 12.59 -0.14
CA VAL A 81 -0.92 12.64 -1.54
C VAL A 81 -2.03 11.61 -1.70
N SER A 82 -2.99 11.89 -2.55
CA SER A 82 -4.10 10.97 -2.78
C SER A 82 -4.31 10.78 -4.27
N ALA A 83 -4.77 9.60 -4.65
CA ALA A 83 -4.99 9.19 -6.04
C ALA A 83 -6.47 8.90 -6.22
N SER A 84 -7.08 9.48 -7.25
CA SER A 84 -8.54 9.49 -7.37
C SER A 84 -9.04 9.16 -8.77
N ASP A 85 -10.23 8.56 -8.80
CA ASP A 85 -11.06 8.37 -9.99
C ASP A 85 -11.33 9.66 -10.78
N ASP A 86 -11.18 10.83 -10.14
CA ASP A 86 -11.35 12.11 -10.83
C ASP A 86 -10.14 12.50 -11.70
N LYS A 87 -9.22 11.54 -11.91
CA LYS A 87 -8.05 11.69 -12.80
C LYS A 87 -6.91 12.53 -12.22
N THR A 88 -7.07 12.98 -10.98
CA THR A 88 -6.06 13.82 -10.35
C THR A 88 -5.46 13.17 -9.11
N LEU A 89 -4.29 13.67 -8.75
CA LEU A 89 -3.79 13.51 -7.39
C LEU A 89 -3.87 14.85 -6.71
N LYS A 90 -4.03 14.83 -5.39
CA LYS A 90 -3.96 16.07 -4.61
C LYS A 90 -2.92 15.92 -3.51
N ILE A 91 -2.20 17.00 -3.26
CA ILE A 91 -1.26 17.08 -2.14
C ILE A 91 -1.93 17.93 -1.07
N TRP A 92 -1.88 17.41 0.15
CA TRP A 92 -2.60 17.94 1.29
C TRP A 92 -1.66 18.29 2.41
N ASP A 93 -1.93 19.44 3.04
CA ASP A 93 -1.29 19.78 4.30
C ASP A 93 -2.04 19.03 5.40
N VAL A 94 -1.32 18.15 6.11
CA VAL A 94 -1.93 17.31 7.15
C VAL A 94 -2.56 18.18 8.25
N SER A 95 -1.83 19.20 8.71
CA SER A 95 -2.24 20.07 9.82
C SER A 95 -3.55 20.82 9.61
N SER A 96 -3.67 21.49 8.47
CA SER A 96 -4.85 22.28 8.17
C SER A 96 -5.93 21.50 7.41
N GLY A 97 -5.52 20.41 6.74
CA GLY A 97 -6.41 19.67 5.87
C GLY A 97 -6.58 20.26 4.48
N LYS A 98 -5.83 21.30 4.16
CA LYS A 98 -6.01 22.02 2.91
C LYS A 98 -5.26 21.39 1.74
N CYS A 99 -5.91 21.47 0.59
CA CYS A 99 -5.32 21.03 -0.65
C CYS A 99 -4.30 22.05 -1.11
N LEU A 100 -3.04 21.64 -1.08
CA LEU A 100 -1.92 22.45 -1.52
C LEU A 100 -1.71 22.46 -3.03
N LYS A 101 -1.83 21.29 -3.67
CA LYS A 101 -1.69 21.15 -5.13
C LYS A 101 -2.68 20.14 -5.69
N THR A 102 -3.06 20.32 -6.94
CA THR A 102 -3.80 19.31 -7.70
C THR A 102 -2.92 18.94 -8.88
N LEU A 103 -2.62 17.64 -8.98
CA LEU A 103 -1.68 17.12 -9.98
C LEU A 103 -2.48 16.62 -11.16
N LYS A 104 -2.33 17.32 -12.28
CA LYS A 104 -3.17 17.10 -13.46
C LYS A 104 -2.30 16.60 -14.60
N GLY A 105 -2.76 15.55 -15.26
CA GLY A 105 -1.98 14.92 -16.30
C GLY A 105 -2.55 13.59 -16.76
N HIS A 106 -2.80 12.69 -15.80
CA HIS A 106 -3.43 11.41 -16.12
C HIS A 106 -4.74 11.59 -16.89
N SER A 107 -5.00 10.67 -17.81
CA SER A 107 -6.15 10.78 -18.72
C SER A 107 -7.29 9.87 -18.26
N ASN A 108 -7.08 9.19 -17.12
CA ASN A 108 -8.07 8.29 -16.56
C ASN A 108 -7.78 8.09 -15.06
N TYR A 109 -8.54 7.21 -14.40
CA TYR A 109 -8.49 7.04 -12.94
C TYR A 109 -7.05 6.94 -12.46
N VAL A 110 -6.74 7.56 -11.33
CA VAL A 110 -5.41 7.36 -10.70
C VAL A 110 -5.61 6.36 -9.54
N PHE A 111 -4.80 5.29 -9.53
CA PHE A 111 -5.01 4.19 -8.59
C PHE A 111 -4.03 4.13 -7.44
N CYS A 112 -2.85 4.69 -7.63
CA CYS A 112 -1.76 4.46 -6.67
C CYS A 112 -0.78 5.60 -6.64
N CYS A 113 -0.21 5.86 -5.46
CA CYS A 113 0.71 6.98 -5.32
C CYS A 113 1.68 6.80 -4.17
N ASN A 114 2.83 7.46 -4.26
CA ASN A 114 3.83 7.51 -3.19
C ASN A 114 4.72 8.70 -3.35
N PHE A 115 5.23 9.21 -2.22
CA PHE A 115 6.35 10.15 -2.21
C PHE A 115 7.63 9.34 -2.27
N ASN A 116 8.70 9.92 -2.79
CA ASN A 116 10.04 9.38 -2.57
C ASN A 116 10.52 9.74 -1.15
N PRO A 117 11.55 9.04 -0.63
CA PRO A 117 12.03 9.34 0.74
C PRO A 117 12.46 10.80 0.93
N GLN A 118 13.08 11.40 -0.09
CA GLN A 118 13.48 12.81 -0.03
CA GLN A 118 13.48 12.81 -0.06
C GLN A 118 12.26 13.74 -0.06
N SER A 119 11.12 13.19 -0.49
CA SER A 119 9.81 13.85 -0.56
C SER A 119 9.77 15.09 -1.45
N ASN A 120 10.66 15.13 -2.43
CA ASN A 120 10.59 16.14 -3.49
C ASN A 120 9.84 15.63 -4.71
N LEU A 121 9.59 14.31 -4.73
CA LEU A 121 8.87 13.70 -5.85
C LEU A 121 7.65 12.88 -5.41
N ILE A 122 6.67 12.78 -6.30
CA ILE A 122 5.58 11.82 -6.16
C ILE A 122 5.58 10.92 -7.41
N VAL A 123 5.36 9.63 -7.21
CA VAL A 123 5.07 8.69 -8.30
C VAL A 123 3.59 8.30 -8.29
N SER A 124 2.98 8.17 -9.48
CA SER A 124 1.60 7.73 -9.56
C SER A 124 1.41 6.67 -10.64
N GLY A 125 0.38 5.83 -10.47
CA GLY A 125 -0.02 4.80 -11.47
C GLY A 125 -1.49 4.94 -11.81
N SER A 126 -1.84 4.76 -13.07
CA SER A 126 -3.18 5.05 -13.54
C SER A 126 -3.77 3.94 -14.39
N PHE A 127 -5.11 4.01 -14.54
CA PHE A 127 -5.86 3.21 -15.50
C PHE A 127 -5.36 3.53 -16.92
N ASP A 128 -4.86 4.74 -17.12
CA ASP A 128 -4.34 5.20 -18.42
C ASP A 128 -3.01 4.51 -18.82
N GLU A 129 -2.54 3.59 -17.97
CA GLU A 129 -1.40 2.69 -18.27
C GLU A 129 -0.02 3.34 -18.11
N SER A 130 0.02 4.61 -17.69
CA SER A 130 1.26 5.31 -17.45
C SER A 130 1.65 5.35 -15.97
N VAL A 131 2.95 5.53 -15.74
CA VAL A 131 3.50 5.89 -14.45
C VAL A 131 3.97 7.33 -14.62
N ARG A 132 3.53 8.23 -13.73
CA ARG A 132 3.97 9.62 -13.79
CA ARG A 132 3.98 9.61 -13.79
C ARG A 132 4.83 9.97 -12.58
N ILE A 133 5.82 10.84 -12.79
CA ILE A 133 6.69 11.32 -11.72
C ILE A 133 6.49 12.82 -11.65
N TRP A 134 6.14 13.31 -10.47
CA TRP A 134 5.74 14.72 -10.25
C TRP A 134 6.65 15.47 -9.28
N ASP A 135 6.81 16.76 -9.53
CA ASP A 135 7.54 17.63 -8.62
C ASP A 135 6.62 18.08 -7.50
N VAL A 136 6.96 17.72 -6.27
CA VAL A 136 6.14 18.06 -5.09
C VAL A 136 5.95 19.59 -4.94
N LYS A 137 7.06 20.32 -5.05
CA LYS A 137 7.09 21.80 -4.90
C LYS A 137 6.16 22.55 -5.86
N THR A 138 6.19 22.17 -7.14
CA THR A 138 5.45 22.88 -8.18
C THR A 138 4.15 22.21 -8.61
N GLY A 139 3.99 20.92 -8.29
CA GLY A 139 2.84 20.14 -8.77
C GLY A 139 2.94 19.77 -10.25
N LYS A 140 4.08 20.07 -10.85
CA LYS A 140 4.30 19.81 -12.27
C LYS A 140 4.70 18.36 -12.53
N CYS A 141 4.18 17.81 -13.62
CA CYS A 141 4.58 16.49 -14.08
C CYS A 141 5.94 16.55 -14.76
N LEU A 142 6.90 15.82 -14.20
CA LEU A 142 8.26 15.82 -14.69
C LEU A 142 8.53 14.78 -15.78
N LYS A 143 7.94 13.59 -15.62
CA LYS A 143 8.11 12.48 -16.57
C LYS A 143 6.81 11.68 -16.65
N THR A 144 6.44 11.30 -17.87
CA THR A 144 5.37 10.34 -18.11
C THR A 144 6.06 9.11 -18.67
N LEU A 145 6.14 8.07 -17.85
CA LEU A 145 6.73 6.82 -18.26
C LEU A 145 5.72 5.98 -19.03
N PRO A 146 6.07 5.55 -20.26
CA PRO A 146 5.19 4.63 -20.98
C PRO A 146 5.35 3.24 -20.36
N ALA A 147 4.74 3.07 -19.19
CA ALA A 147 5.17 2.01 -18.29
C ALA A 147 4.65 0.64 -18.64
N HIS A 148 3.37 0.59 -19.02
CA HIS A 148 2.65 -0.68 -19.13
C HIS A 148 1.62 -0.60 -20.28
N SER A 149 1.00 -1.73 -20.58
CA SER A 149 -0.04 -1.77 -21.61
C SER A 149 -1.41 -2.12 -21.01
N ASP A 150 -1.59 -1.84 -19.72
CA ASP A 150 -2.86 -2.09 -19.00
C ASP A 150 -2.80 -1.35 -17.65
N PRO A 151 -3.93 -1.29 -16.89
CA PRO A 151 -3.93 -0.45 -15.68
C PRO A 151 -2.76 -0.71 -14.74
N VAL A 152 -2.26 0.36 -14.16
CA VAL A 152 -1.14 0.26 -13.20
C VAL A 152 -1.74 0.13 -11.79
N SER A 153 -1.42 -0.96 -11.11
CA SER A 153 -2.02 -1.30 -9.81
C SER A 153 -1.25 -0.82 -8.57
N ALA A 154 0.07 -0.66 -8.71
CA ALA A 154 0.92 -0.22 -7.59
C ALA A 154 2.18 0.46 -8.12
N VAL A 155 2.67 1.45 -7.37
CA VAL A 155 3.95 2.14 -7.63
C VAL A 155 4.61 2.39 -6.27
N HIS A 156 5.93 2.17 -6.18
CA HIS A 156 6.63 2.32 -4.92
C HIS A 156 8.06 2.79 -5.20
N PHE A 157 8.59 3.72 -4.38
CA PHE A 157 10.01 4.06 -4.47
C PHE A 157 10.78 3.11 -3.56
N ASN A 158 12.04 2.78 -3.91
CA ASN A 158 12.87 2.05 -2.95
C ASN A 158 13.37 2.99 -1.83
N ARG A 159 14.18 2.45 -0.92
CA ARG A 159 14.57 3.19 0.27
C ARG A 159 15.33 4.51 0.07
N ASP A 160 16.12 4.59 -0.99
CA ASP A 160 16.84 5.82 -1.29
C ASP A 160 16.25 6.62 -2.46
N GLY A 161 15.12 6.14 -2.98
CA GLY A 161 14.39 6.83 -4.04
C GLY A 161 14.98 6.70 -5.41
N SER A 162 16.04 5.90 -5.54
CA SER A 162 16.72 5.76 -6.83
C SER A 162 16.00 4.84 -7.82
N LEU A 163 15.14 3.97 -7.30
CA LEU A 163 14.32 3.03 -8.11
C LEU A 163 12.82 3.18 -7.82
N ILE A 164 12.01 2.92 -8.84
CA ILE A 164 10.55 2.79 -8.69
C ILE A 164 10.22 1.38 -9.17
N VAL A 165 9.37 0.67 -8.42
CA VAL A 165 8.77 -0.58 -8.92
C VAL A 165 7.30 -0.31 -9.27
N SER A 166 6.85 -0.83 -10.41
CA SER A 166 5.45 -0.73 -10.82
C SER A 166 4.88 -2.10 -11.12
N SER A 167 3.56 -2.23 -10.95
CA SER A 167 2.87 -3.47 -11.33
C SER A 167 1.66 -3.18 -12.17
N SER A 168 1.27 -4.14 -12.98
CA SER A 168 0.17 -3.86 -13.92
C SER A 168 -0.67 -5.09 -14.23
N TYR A 169 -1.88 -4.79 -14.67
CA TYR A 169 -2.77 -5.77 -15.28
C TYR A 169 -2.22 -6.41 -16.55
N ASP A 170 -1.20 -5.80 -17.16
CA ASP A 170 -0.52 -6.42 -18.32
C ASP A 170 0.25 -7.69 -17.93
N GLY A 171 0.36 -7.97 -16.62
CA GLY A 171 1.04 -9.14 -16.09
C GLY A 171 2.51 -8.93 -15.74
N LEU A 172 2.97 -7.69 -15.81
CA LEU A 172 4.39 -7.39 -15.57
C LEU A 172 4.64 -6.57 -14.32
N CYS A 173 5.82 -6.80 -13.76
CA CYS A 173 6.43 -5.95 -12.74
CA CYS A 173 6.39 -5.95 -12.78
C CYS A 173 7.65 -5.32 -13.39
N ARG A 174 7.79 -4.01 -13.25
CA ARG A 174 8.93 -3.29 -13.81
C ARG A 174 9.69 -2.43 -12.79
N ILE A 175 11.01 -2.39 -12.94
CA ILE A 175 11.89 -1.60 -12.10
C ILE A 175 12.42 -0.47 -12.98
N TRP A 176 12.27 0.76 -12.49
CA TRP A 176 12.58 1.98 -13.22
C TRP A 176 13.66 2.80 -12.52
N ASP A 177 14.53 3.43 -13.30
CA ASP A 177 15.52 4.34 -12.75
C ASP A 177 14.82 5.67 -12.56
N THR A 178 14.74 6.17 -11.32
CA THR A 178 14.04 7.43 -11.07
C THR A 178 14.55 8.62 -11.88
N ALA A 179 15.88 8.75 -11.94
CA ALA A 179 16.54 9.87 -12.63
C ALA A 179 16.35 9.84 -14.15
N SER A 180 16.59 8.69 -14.76
CA SER A 180 16.58 8.56 -16.22
C SER A 180 15.19 8.27 -16.78
N GLY A 181 14.36 7.60 -16.00
CA GLY A 181 13.04 7.13 -16.43
C GLY A 181 13.08 5.85 -17.22
N GLN A 182 14.28 5.24 -17.29
CA GLN A 182 14.48 4.00 -18.03
C GLN A 182 14.07 2.78 -17.25
N CYS A 183 13.54 1.80 -17.97
CA CYS A 183 13.25 0.50 -17.40
C CYS A 183 14.54 -0.33 -17.27
N LEU A 184 14.81 -0.80 -16.05
CA LEU A 184 16.05 -1.52 -15.75
C LEU A 184 15.84 -3.03 -15.61
N LYS A 185 14.62 -3.45 -15.27
CA LYS A 185 14.27 -4.87 -15.18
C LYS A 185 12.79 -5.06 -15.41
N THR A 186 12.44 -6.13 -16.13
CA THR A 186 11.07 -6.62 -16.25
C THR A 186 10.98 -8.03 -15.67
N LEU A 187 10.06 -8.25 -14.73
CA LEU A 187 9.69 -9.61 -14.35
C LEU A 187 8.45 -10.06 -15.11
N ILE A 188 8.62 -11.15 -15.87
CA ILE A 188 7.61 -11.70 -16.79
C ILE A 188 7.58 -13.22 -16.71
N ASP A 189 6.40 -13.82 -16.83
CA ASP A 189 6.22 -15.29 -16.79
C ASP A 189 5.53 -15.84 -18.03
N ASN A 192 1.22 -14.96 -17.50
CA ASN A 192 1.14 -14.42 -16.15
C ASN A 192 -0.18 -13.69 -15.92
N PRO A 193 -0.85 -13.92 -14.76
CA PRO A 193 -2.07 -13.18 -14.55
C PRO A 193 -1.76 -11.69 -14.21
N PRO A 194 -2.80 -10.82 -14.11
CA PRO A 194 -2.52 -9.43 -13.71
C PRO A 194 -1.71 -9.36 -12.43
N VAL A 195 -0.74 -8.45 -12.39
CA VAL A 195 0.00 -8.19 -11.13
C VAL A 195 -0.77 -7.06 -10.44
N SER A 196 -1.32 -7.40 -9.30
CA SER A 196 -2.31 -6.56 -8.60
C SER A 196 -1.69 -5.69 -7.50
N PHE A 197 -0.42 -5.91 -7.19
CA PHE A 197 0.26 -5.24 -6.08
C PHE A 197 1.76 -5.52 -6.15
N VAL A 198 2.55 -4.52 -5.80
CA VAL A 198 3.99 -4.69 -5.60
C VAL A 198 4.52 -3.61 -4.63
N LYS A 199 5.52 -3.99 -3.86
CA LYS A 199 6.29 -3.04 -3.07
C LYS A 199 7.68 -3.61 -2.83
N PHE A 200 8.64 -2.70 -2.61
CA PHE A 200 10.01 -3.06 -2.25
C PHE A 200 10.03 -3.50 -0.81
N SER A 201 10.99 -4.38 -0.49
CA SER A 201 11.27 -4.78 0.87
C SER A 201 11.84 -3.58 1.65
N PRO A 202 11.77 -3.60 3.01
CA PRO A 202 12.29 -2.46 3.78
C PRO A 202 13.75 -2.17 3.43
N ASN A 203 14.55 -3.22 3.23
CA ASN A 203 15.92 -3.11 2.75
C ASN A 203 16.04 -2.52 1.33
N GLY A 204 15.17 -2.96 0.43
CA GLY A 204 15.21 -2.55 -0.98
C GLY A 204 15.74 -3.62 -1.93
N LYS A 205 16.22 -4.74 -1.37
CA LYS A 205 16.85 -5.81 -2.16
C LYS A 205 15.86 -6.75 -2.85
N TYR A 206 14.62 -6.76 -2.34
CA TYR A 206 13.59 -7.66 -2.81
C TYR A 206 12.31 -6.87 -3.09
N ILE A 207 11.48 -7.40 -4.01
CA ILE A 207 10.09 -6.95 -4.15
C ILE A 207 9.11 -8.05 -3.74
N LEU A 208 7.95 -7.65 -3.20
CA LEU A 208 6.83 -8.54 -2.96
C LEU A 208 5.72 -8.19 -3.94
N ALA A 209 5.27 -9.18 -4.73
CA ALA A 209 4.25 -8.98 -5.76
C ALA A 209 3.06 -9.92 -5.62
N ALA A 210 1.86 -9.36 -5.75
CA ALA A 210 0.61 -10.16 -5.79
C ALA A 210 0.14 -10.29 -7.22
N THR A 211 -0.35 -11.48 -7.57
CA THR A 211 -0.99 -11.70 -8.87
C THR A 211 -2.37 -12.29 -8.60
N LEU A 212 -3.29 -12.08 -9.53
CA LEU A 212 -4.69 -12.46 -9.35
C LEU A 212 -4.95 -13.97 -9.55
N ASP A 213 -4.04 -14.77 -9.03
CA ASP A 213 -4.13 -16.23 -9.00
C ASP A 213 -3.90 -16.70 -7.57
N ASN A 214 -4.34 -15.89 -6.61
CA ASN A 214 -4.27 -16.20 -5.17
C ASN A 214 -2.85 -16.42 -4.65
N THR A 215 -1.88 -15.70 -5.23
CA THR A 215 -0.46 -15.90 -4.93
C THR A 215 0.24 -14.58 -4.63
N LEU A 216 1.01 -14.58 -3.55
CA LEU A 216 1.99 -13.55 -3.29
C LEU A 216 3.38 -14.16 -3.54
N LYS A 217 4.26 -13.41 -4.20
CA LYS A 217 5.64 -13.89 -4.41
C LYS A 217 6.71 -12.88 -3.98
N LEU A 218 7.75 -13.40 -3.33
CA LEU A 218 8.94 -12.64 -2.98
C LEU A 218 10.01 -12.83 -4.07
N TRP A 219 10.44 -11.72 -4.67
CA TRP A 219 11.41 -11.77 -5.76
C TRP A 219 12.72 -11.14 -5.39
N ASP A 220 13.81 -11.75 -5.86
CA ASP A 220 15.09 -11.07 -6.00
C ASP A 220 15.04 -10.53 -7.42
N TYR A 221 14.78 -9.22 -7.56
CA TYR A 221 14.48 -8.64 -8.88
C TYR A 221 15.68 -8.55 -9.84
N SER A 222 16.84 -8.16 -9.30
CA SER A 222 18.09 -8.05 -10.09
C SER A 222 18.55 -9.41 -10.59
N LYS A 223 18.48 -10.43 -9.72
CA LYS A 223 18.75 -11.82 -10.10
C LYS A 223 17.63 -12.43 -10.96
N GLY A 224 16.41 -11.89 -10.85
CA GLY A 224 15.24 -12.39 -11.57
C GLY A 224 14.71 -13.72 -11.06
N LYS A 225 15.02 -14.04 -9.81
CA LYS A 225 14.65 -15.31 -9.19
C LYS A 225 13.60 -15.11 -8.13
N CYS A 226 12.55 -15.91 -8.22
CA CYS A 226 11.50 -15.95 -7.21
C CYS A 226 11.98 -16.76 -6.02
N LEU A 227 12.02 -16.14 -4.84
CA LEU A 227 12.55 -16.78 -3.64
C LEU A 227 11.48 -17.48 -2.84
N LYS A 228 10.35 -16.80 -2.60
CA LYS A 228 9.26 -17.38 -1.81
C LYS A 228 7.91 -17.18 -2.48
N THR A 229 6.99 -18.08 -2.16
CA THR A 229 5.60 -18.02 -2.61
C THR A 229 4.72 -18.13 -1.37
N TYR A 230 3.71 -17.26 -1.26
CA TYR A 230 2.73 -17.31 -0.17
C TYR A 230 1.33 -17.52 -0.73
N THR A 231 0.65 -18.55 -0.24
CA THR A 231 -0.68 -18.91 -0.72
C THR A 231 -1.56 -19.31 0.46
N GLY A 232 -2.84 -19.57 0.16
CA GLY A 232 -3.79 -20.00 1.18
C GLY A 232 -4.90 -19.00 1.37
N HIS A 233 -4.71 -17.81 0.79
CA HIS A 233 -5.69 -16.73 0.82
C HIS A 233 -6.42 -16.70 -0.53
N LYS A 234 -7.49 -15.92 -0.59
CA LYS A 234 -8.25 -15.72 -1.82
C LYS A 234 -7.94 -14.34 -2.41
N ASN A 235 -7.44 -14.33 -3.65
CA ASN A 235 -7.15 -13.10 -4.39
C ASN A 235 -7.18 -13.34 -5.89
N GLU A 236 -8.37 -13.15 -6.47
CA GLU A 236 -8.57 -13.30 -7.92
C GLU A 236 -9.24 -12.09 -8.57
N LYS A 237 -9.58 -11.07 -7.78
CA LYS A 237 -10.31 -9.92 -8.33
C LYS A 237 -9.72 -8.56 -7.92
N TYR A 238 -9.44 -8.39 -6.63
CA TYR A 238 -9.17 -7.04 -6.11
C TYR A 238 -7.70 -6.77 -5.99
N CYS A 239 -7.34 -5.49 -6.09
CA CYS A 239 -5.96 -5.12 -5.93
C CYS A 239 -5.69 -4.95 -4.44
N ILE A 240 -5.28 -6.05 -3.81
CA ILE A 240 -5.13 -6.12 -2.35
C ILE A 240 -3.70 -5.75 -1.97
N PHE A 241 -3.56 -4.85 -0.99
CA PHE A 241 -2.28 -4.35 -0.56
C PHE A 241 -1.66 -5.25 0.50
N ALA A 242 -0.41 -5.67 0.29
CA ALA A 242 0.30 -6.52 1.25
C ALA A 242 1.51 -5.82 1.87
N ASN A 243 2.09 -6.41 2.91
CA ASN A 243 3.20 -5.76 3.61
C ASN A 243 4.25 -6.68 4.16
N PHE A 244 5.45 -6.14 4.33
CA PHE A 244 6.48 -6.75 5.17
C PHE A 244 6.22 -6.27 6.59
N SER A 245 6.15 -7.19 7.54
CA SER A 245 6.03 -6.81 8.94
C SER A 245 7.37 -7.13 9.56
N VAL A 246 8.09 -6.10 10.02
CA VAL A 246 9.48 -6.30 10.46
C VAL A 246 9.80 -5.73 11.85
N THR A 247 8.80 -5.14 12.52
CA THR A 247 8.97 -4.57 13.87
C THR A 247 9.26 -5.64 14.95
N GLY A 248 8.58 -6.77 14.85
CA GLY A 248 8.77 -7.92 15.76
C GLY A 248 9.38 -9.09 15.02
N GLY A 249 8.62 -10.18 14.92
CA GLY A 249 8.98 -11.30 14.02
C GLY A 249 8.90 -10.89 12.55
N LYS A 250 9.44 -11.70 11.65
CA LYS A 250 9.45 -11.36 10.24
C LYS A 250 8.31 -12.01 9.46
N TRP A 251 7.28 -11.20 9.20
CA TRP A 251 6.03 -11.67 8.59
C TRP A 251 5.73 -11.00 7.24
N ILE A 252 4.87 -11.66 6.46
CA ILE A 252 4.17 -11.10 5.31
C ILE A 252 2.70 -10.99 5.73
N VAL A 253 2.09 -9.83 5.52
CA VAL A 253 0.70 -9.58 5.91
C VAL A 253 -0.06 -9.22 4.64
N SER A 254 -1.30 -9.71 4.49
CA SER A 254 -2.15 -9.33 3.35
C SER A 254 -3.61 -9.40 3.71
N GLY A 255 -4.44 -8.66 2.97
CA GLY A 255 -5.88 -8.86 3.00
C GLY A 255 -6.26 -10.04 2.14
N SER A 256 -7.55 -10.32 2.08
CA SER A 256 -8.07 -11.49 1.37
C SER A 256 -9.53 -11.30 0.99
N GLU A 257 -9.95 -11.96 -0.08
CA GLU A 257 -11.34 -11.85 -0.54
C GLU A 257 -12.31 -12.75 0.23
N ASP A 258 -11.77 -13.50 1.19
CA ASP A 258 -12.59 -14.24 2.16
C ASP A 258 -12.75 -13.48 3.49
N ASN A 259 -12.51 -12.16 3.46
CA ASN A 259 -12.71 -11.23 4.60
C ASN A 259 -11.71 -11.35 5.75
N LEU A 260 -10.61 -12.06 5.52
CA LEU A 260 -9.62 -12.27 6.56
C LEU A 260 -8.34 -11.49 6.26
N VAL A 261 -7.56 -11.26 7.32
CA VAL A 261 -6.19 -10.78 7.21
C VAL A 261 -5.33 -12.02 7.44
N TYR A 262 -4.45 -12.29 6.47
CA TYR A 262 -3.48 -13.41 6.53
C TYR A 262 -2.09 -12.91 6.87
N ILE A 263 -1.41 -13.71 7.69
CA ILE A 263 -0.05 -13.41 8.12
C ILE A 263 0.73 -14.71 7.89
N TRP A 264 1.83 -14.60 7.16
CA TRP A 264 2.70 -15.76 6.90
C TRP A 264 4.03 -15.52 7.58
N ASN A 265 4.69 -16.61 7.97
CA ASN A 265 6.11 -16.54 8.29
C ASN A 265 6.83 -16.30 6.98
N LEU A 266 7.65 -15.25 6.93
CA LEU A 266 8.33 -14.85 5.70
C LEU A 266 9.28 -15.94 5.17
N GLN A 267 10.02 -16.56 6.09
CA GLN A 267 11.01 -17.60 5.77
C GLN A 267 10.40 -18.95 5.39
N THR A 268 9.51 -19.47 6.25
CA THR A 268 8.93 -20.83 6.09
C THR A 268 7.72 -20.88 5.17
N LYS A 269 7.22 -19.69 4.77
CA LYS A 269 6.05 -19.54 3.90
C LYS A 269 4.76 -20.11 4.53
N GLU A 270 4.80 -20.39 5.83
CA GLU A 270 3.66 -20.96 6.55
C GLU A 270 2.71 -19.90 7.09
N ILE A 271 1.42 -20.13 6.93
CA ILE A 271 0.39 -19.27 7.51
C ILE A 271 0.44 -19.40 9.04
N VAL A 272 0.79 -18.29 9.70
CA VAL A 272 0.96 -18.24 11.16
C VAL A 272 -0.23 -17.63 11.90
N GLN A 273 -1.06 -16.88 11.18
CA GLN A 273 -2.28 -16.29 11.75
C GLN A 273 -3.27 -15.80 10.68
N LYS A 274 -4.56 -15.95 11.00
CA LYS A 274 -5.66 -15.49 10.17
C LYS A 274 -6.57 -14.66 11.07
N LEU A 275 -6.69 -13.36 10.77
CA LEU A 275 -7.45 -12.42 11.61
C LEU A 275 -8.89 -12.24 11.12
N GLN A 276 -9.85 -12.55 12.00
CA GLN A 276 -11.27 -12.50 11.67
C GLN A 276 -11.95 -11.28 12.28
N GLY A 277 -12.89 -10.71 11.55
CA GLY A 277 -13.67 -9.60 12.07
C GLY A 277 -14.33 -8.80 10.99
N HIS A 278 -13.64 -8.61 9.86
CA HIS A 278 -14.19 -7.85 8.74
C HIS A 278 -15.34 -8.61 8.07
N THR A 279 -16.25 -7.87 7.46
CA THR A 279 -17.46 -8.41 6.84
C THR A 279 -17.47 -8.23 5.33
N ASP A 280 -16.32 -7.82 4.77
CA ASP A 280 -16.14 -7.74 3.32
C ASP A 280 -14.64 -7.92 3.01
N VAL A 281 -14.32 -7.98 1.72
CA VAL A 281 -12.94 -8.11 1.21
C VAL A 281 -12.03 -7.13 1.94
N VAL A 282 -10.95 -7.63 2.53
CA VAL A 282 -9.94 -6.80 3.17
C VAL A 282 -8.99 -6.42 2.02
N ILE A 283 -9.17 -5.20 1.51
CA ILE A 283 -8.40 -4.71 0.36
C ILE A 283 -7.07 -4.04 0.77
N SER A 284 -6.96 -3.58 2.01
CA SER A 284 -5.76 -2.87 2.44
C SER A 284 -5.32 -3.30 3.82
N THR A 285 -4.03 -3.55 3.94
CA THR A 285 -3.34 -3.67 5.23
C THR A 285 -2.17 -2.68 5.33
N ALA A 286 -1.84 -2.25 6.55
CA ALA A 286 -0.62 -1.48 6.83
C ALA A 286 0.02 -1.98 8.12
N CYS A 287 1.34 -1.93 8.18
CA CYS A 287 2.11 -2.30 9.36
C CYS A 287 2.75 -1.07 9.96
N HIS A 288 2.57 -0.89 11.27
CA HIS A 288 3.08 0.29 11.99
C HIS A 288 4.62 0.40 11.92
N PRO A 289 5.17 1.64 11.79
CA PRO A 289 6.63 1.71 11.57
C PRO A 289 7.50 1.21 12.73
N THR A 290 6.97 1.23 13.96
CA THR A 290 7.78 0.87 15.15
C THR A 290 7.14 -0.19 16.06
N GLU A 291 5.80 -0.20 16.14
CA GLU A 291 5.04 -1.13 16.99
C GLU A 291 4.47 -2.29 16.19
N ASN A 292 4.11 -3.39 16.88
CA ASN A 292 3.45 -4.54 16.24
C ASN A 292 1.94 -4.26 16.12
N ILE A 293 1.62 -3.36 15.19
CA ILE A 293 0.24 -2.91 14.97
C ILE A 293 -0.03 -3.06 13.48
N ILE A 294 -1.14 -3.74 13.17
CA ILE A 294 -1.65 -3.86 11.78
C ILE A 294 -2.92 -3.04 11.68
N ALA A 295 -3.04 -2.26 10.60
CA ALA A 295 -4.34 -1.71 10.26
C ALA A 295 -4.85 -2.43 9.02
N SER A 296 -6.15 -2.69 9.01
CA SER A 296 -6.80 -3.33 7.89
C SER A 296 -8.06 -2.57 7.53
N ALA A 297 -8.41 -2.58 6.24
CA ALA A 297 -9.59 -1.85 5.74
C ALA A 297 -10.33 -2.69 4.74
N ALA A 298 -11.66 -2.55 4.73
CA ALA A 298 -12.51 -3.43 3.90
C ALA A 298 -13.52 -2.69 3.06
N LEU A 299 -14.14 -3.45 2.15
CA LEU A 299 -14.98 -2.90 1.09
C LEU A 299 -16.43 -2.60 1.52
N GLU A 300 -17.34 -2.55 0.54
CA GLU A 300 -18.63 -1.86 0.70
C GLU A 300 -19.56 -2.43 1.78
N ASN A 301 -19.48 -3.73 2.03
CA ASN A 301 -20.31 -4.37 3.06
C ASN A 301 -19.70 -4.22 4.47
N ASP A 302 -18.60 -3.47 4.58
CA ASP A 302 -17.90 -3.30 5.86
C ASP A 302 -17.68 -1.81 6.17
N LYS A 303 -16.87 -1.14 5.32
CA LYS A 303 -16.62 0.32 5.38
CA LYS A 303 -16.62 0.32 5.38
C LYS A 303 -15.80 0.75 6.63
N THR A 304 -15.24 -0.21 7.35
CA THR A 304 -14.47 0.08 8.57
C THR A 304 -12.99 -0.24 8.41
N ILE A 305 -12.20 0.36 9.32
CA ILE A 305 -10.77 0.11 9.49
C ILE A 305 -10.66 -0.56 10.86
N LYS A 306 -9.84 -1.60 10.95
CA LYS A 306 -9.56 -2.25 12.22
C LYS A 306 -8.10 -2.11 12.58
N LEU A 307 -7.82 -1.91 13.87
CA LEU A 307 -6.46 -1.89 14.39
C LEU A 307 -6.26 -3.10 15.29
N TRP A 308 -5.17 -3.82 15.01
CA TRP A 308 -4.83 -5.07 15.67
C TRP A 308 -3.45 -4.91 16.29
N LYS A 309 -3.28 -5.43 17.51
CA LYS A 309 -2.03 -5.31 18.26
CA LYS A 309 -2.04 -5.30 18.25
C LYS A 309 -1.49 -6.70 18.61
N SER A 310 -0.17 -6.85 18.47
CA SER A 310 0.53 -8.10 18.80
C SER A 310 1.67 -7.85 19.77
N ASP A 311 2.15 -8.94 20.37
CA ASP A 311 3.32 -8.92 21.24
C ASP A 311 4.63 -9.14 20.48
N CYS A 312 4.54 -9.82 19.34
CA CYS A 312 5.68 -10.03 18.44
C CYS A 312 5.24 -9.99 16.97
C4 5MO B . -6.36 0.15 -3.43
C5 5MO B . -6.87 0.02 -7.16
C6 5MO B . -8.25 0.20 -7.38
N1 5MO B . -6.30 0.32 -5.88
C7 5MO B . -10.10 -0.03 -5.73
C8 5MO B . -10.94 0.80 -4.82
N2 5MO B . -8.99 0.54 -6.23
C9 5MO B . -11.47 0.19 -3.68
C10 5MO B . -12.31 0.91 -2.83
C11 5MO B . -12.61 2.23 -3.12
C12 5MO B . -12.08 2.86 -4.25
C13 5MO B . -12.42 4.29 -4.56
C14 5MO B . -11.24 2.13 -5.08
C15 5MO B . -8.80 -0.24 -8.58
O 5MO B . -10.29 -1.23 -5.84
C16 5MO B . -8.02 -0.80 -9.58
C17 5MO B . -6.66 -0.94 -9.36
C18 5MO B . -6.08 -0.54 -8.17
C2 5MO B . -4.85 0.48 -5.82
C1 5MO B . -4.43 1.06 -4.48
C3 5MO B . -6.82 -0.47 -4.76
N 5MO B . -4.90 0.24 -3.38
C 5MO B . -4.46 0.78 -2.07
C19 5MO B . -8.63 -1.21 -10.88
C26 5MO B . -7.93 -2.02 -11.78
C25 5MO B . -8.48 -2.40 -13.01
C22 5MO B . -9.76 -1.96 -13.32
O1 5MO B . -10.45 -2.26 -14.47
C23 5MO B . -11.74 -1.60 -14.40
C24 5MO B . -11.81 -0.82 -13.08
C21 5MO B . -10.48 -1.16 -12.45
C20 5MO B . -9.92 -0.79 -11.24
C1 GOL C . -13.88 2.29 -7.80
O1 GOL C . -14.51 3.52 -8.18
C2 GOL C . -13.00 1.71 -8.91
O2 GOL C . -11.90 2.58 -9.26
C3 GOL C . -12.45 0.40 -8.36
O3 GOL C . -12.61 -0.64 -9.32
CL CL D . 3.38 1.59 1.99
C1 EDO E . -16.53 10.17 12.83
O1 EDO E . -16.26 8.77 12.72
C2 EDO E . -15.98 10.89 11.62
O2 EDO E . -16.30 10.18 10.42
C1 EDO F . -2.34 15.96 12.79
O1 EDO F . -2.69 16.96 11.83
C2 EDO F . -3.55 15.05 12.94
O2 EDO F . -4.59 15.79 13.58
C1 EDO G . -16.21 6.34 -10.93
O1 EDO G . -15.89 6.90 -9.64
C2 EDO G . -16.98 5.04 -10.80
O2 EDO G . -18.18 5.30 -10.07
C1 EDO H . -10.82 -4.45 -8.64
O1 EDO H . -11.90 -3.53 -8.37
C2 EDO H . -9.48 -3.83 -8.30
O2 EDO H . -9.34 -3.61 -6.89
C1 EDO I . 6.66 -1.79 8.39
O1 EDO I . 7.12 -2.61 7.31
C2 EDO I . 7.32 -2.24 9.70
O2 EDO I . 6.81 -3.52 10.10
UNK UNX J . -2.07 -8.16 22.35
UNK UNX K . -17.10 -4.07 10.78
UNK UNX L . -21.71 4.79 8.37
UNK UNX M . 7.91 11.68 9.85
UNK UNX N . 14.44 9.98 -5.77
UNK UNX O . 13.09 11.96 -12.77
UNK UNX P . -3.85 -23.77 3.92
UNK UNX Q . -15.72 1.23 -10.83
UNK UNX R . -15.67 4.58 -5.81
UNK UNX S . -15.19 5.70 15.23
UNK UNX T . 4.97 -12.39 -9.38
UNK UNX U . -13.88 -3.36 17.72
UNK UNX V . 7.22 8.21 3.10
UNK UNX W . 14.50 -7.45 -17.80
#